data_4LW3
#
_entry.id   4LW3
#
_cell.length_a   82.087
_cell.length_b   82.087
_cell.length_c   133.375
_cell.angle_alpha   90.00
_cell.angle_beta   90.00
_cell.angle_gamma   90.00
#
_symmetry.space_group_name_H-M   'P 43 21 2'
#
loop_
_entity.id
_entity.type
_entity.pdbx_description
1 polymer 'Beta-4-galactosyltransferase 7'
2 non-polymer 'MANGANESE (II) ION'
3 non-polymer "GALACTOSE-URIDINE-5'-DIPHOSPHATE"
4 water water
#
_entity_poly.entity_id   1
_entity_poly.type   'polypeptide(L)'
_entity_poly.pdbx_seq_one_letter_code
;ASMTGGQQMGRGSGPMLIEFNIPVDLKLVEQQNPKVKLGGRYTPMDGASVHKMALLVPFRDRFEELLQFVPHMTAFLKRQ
GVAHHIFVLNQVDRFRFNRASLINVGFQFASDVYDYIAMHDVDLLPLNDNLLYEYPSSLGPLHIAGPKLHPKYHYDNFVG
GILLVRREHFKQMNGMSNQYWGWGLENDEFFVRIRDAGLQVTRPQNIKTGTNDTFSHIHNRYHRKRDTQKCFNQKEMTRK
RDHKTGLDNVKYKILKVHEMLIDQVPVTILNILLDCDVNKTPWCDCS
;
_entity_poly.pdbx_strand_id   A
#
# COMPACT_ATOMS: atom_id res chain seq x y z
N ASP A 46 -21.35 26.38 4.67
CA ASP A 46 -22.36 25.34 4.61
C ASP A 46 -21.99 24.13 5.47
N GLY A 47 -20.70 24.02 5.81
CA GLY A 47 -20.23 23.04 6.78
C GLY A 47 -20.22 21.57 6.40
N ALA A 48 -20.31 21.27 5.10
CA ALA A 48 -20.36 19.89 4.62
C ALA A 48 -19.09 19.10 4.93
N SER A 49 -19.26 17.87 5.43
CA SER A 49 -18.13 16.96 5.66
C SER A 49 -17.68 16.35 4.32
N VAL A 50 -16.38 16.10 4.20
CA VAL A 50 -15.84 15.47 3.00
C VAL A 50 -14.95 14.28 3.43
N HIS A 51 -14.97 13.20 2.65
CA HIS A 51 -14.08 12.08 2.92
C HIS A 51 -12.63 12.49 2.67
N LYS A 52 -11.70 11.87 3.39
CA LYS A 52 -10.29 12.26 3.30
C LYS A 52 -9.41 11.01 3.24
N MET A 53 -8.53 10.98 2.24
CA MET A 53 -7.76 9.76 1.92
C MET A 53 -6.32 9.85 2.39
N ALA A 54 -5.90 8.89 3.23
CA ALA A 54 -4.49 8.82 3.58
C ALA A 54 -3.82 7.99 2.50
N LEU A 55 -2.98 8.64 1.71
CA LEU A 55 -2.31 7.95 0.62
C LEU A 55 -1.00 7.37 1.16
N LEU A 56 -1.02 6.07 1.44
CA LEU A 56 0.09 5.39 2.11
C LEU A 56 1.05 4.79 1.09
N VAL A 57 2.30 5.26 1.08
CA VAL A 57 3.29 4.81 0.11
C VAL A 57 4.48 4.16 0.81
N PRO A 58 4.43 2.83 0.96
CA PRO A 58 5.58 2.09 1.48
C PRO A 58 6.78 2.40 0.61
N PHE A 59 7.93 2.60 1.23
CA PHE A 59 9.01 3.22 0.50
C PHE A 59 10.39 2.85 1.06
N ARG A 60 11.30 2.55 0.15
CA ARG A 60 12.73 2.51 0.46
CA ARG A 60 12.72 2.47 0.47
C ARG A 60 13.51 2.61 -0.83
N ASP A 61 14.43 3.57 -0.88
CA ASP A 61 15.33 3.75 -2.03
C ASP A 61 14.59 3.95 -3.37
N ARG A 62 13.56 4.79 -3.37
CA ARG A 62 12.83 5.07 -4.61
C ARG A 62 12.60 6.57 -4.78
N PHE A 63 13.62 7.36 -4.47
CA PHE A 63 13.51 8.81 -4.55
C PHE A 63 13.12 9.30 -5.95
N GLU A 64 13.78 8.78 -6.97
CA GLU A 64 13.47 9.19 -8.34
C GLU A 64 12.01 8.93 -8.67
N GLU A 65 11.50 7.77 -8.28
CA GLU A 65 10.10 7.44 -8.48
C GLU A 65 9.19 8.42 -7.74
N LEU A 66 9.58 8.77 -6.52
CA LEU A 66 8.76 9.63 -5.67
C LEU A 66 8.60 11.01 -6.28
N LEU A 67 9.66 11.50 -6.92
CA LEU A 67 9.63 12.83 -7.53
C LEU A 67 8.66 12.90 -8.69
N GLN A 68 8.41 11.77 -9.35
CA GLN A 68 7.40 11.72 -10.38
C GLN A 68 6.02 11.47 -9.79
N PHE A 69 5.99 10.66 -8.74
CA PHE A 69 4.74 10.24 -8.11
C PHE A 69 3.99 11.45 -7.55
N VAL A 70 4.68 12.27 -6.78
CA VAL A 70 4.01 13.35 -6.04
C VAL A 70 3.25 14.37 -6.92
N PRO A 71 3.92 14.96 -7.94
CA PRO A 71 3.16 15.89 -8.77
C PRO A 71 2.05 15.20 -9.57
N HIS A 72 2.28 13.97 -10.03
CA HIS A 72 1.28 13.30 -10.84
C HIS A 72 0.01 13.03 -10.03
N MET A 73 0.18 12.39 -8.88
CA MET A 73 -0.97 12.04 -8.04
C MET A 73 -1.70 13.27 -7.52
N THR A 74 -0.96 14.33 -7.20
CA THR A 74 -1.57 15.55 -6.68
C THR A 74 -2.47 16.20 -7.72
N ALA A 75 -1.97 16.32 -8.95
CA ALA A 75 -2.77 16.88 -10.05
C ALA A 75 -3.97 15.99 -10.36
N PHE A 76 -3.71 14.68 -10.48
CA PHE A 76 -4.74 13.69 -10.76
C PHE A 76 -5.88 13.75 -9.75
N LEU A 77 -5.53 13.81 -8.48
CA LEU A 77 -6.54 13.75 -7.42
C LEU A 77 -7.27 15.09 -7.30
N LYS A 78 -6.56 16.20 -7.52
CA LYS A 78 -7.21 17.51 -7.50
C LYS A 78 -8.30 17.60 -8.58
N ARG A 79 -8.04 17.02 -9.74
CA ARG A 79 -9.01 17.03 -10.83
C ARG A 79 -10.33 16.38 -10.44
N GLN A 80 -10.29 15.36 -9.59
CA GLN A 80 -11.54 14.71 -9.19
C GLN A 80 -11.94 15.11 -7.78
N GLY A 81 -11.28 16.14 -7.26
CA GLY A 81 -11.65 16.73 -5.98
C GLY A 81 -11.49 15.83 -4.77
N VAL A 82 -10.53 14.91 -4.84
CA VAL A 82 -10.27 14.01 -3.70
C VAL A 82 -9.32 14.64 -2.69
N ALA A 83 -9.84 14.88 -1.48
CA ALA A 83 -9.01 15.44 -0.42
C ALA A 83 -8.12 14.34 0.12
N HIS A 84 -6.82 14.62 0.29
CA HIS A 84 -5.88 13.54 0.60
C HIS A 84 -4.55 14.09 1.06
N HIS A 85 -3.74 13.22 1.67
CA HIS A 85 -2.36 13.58 1.99
C HIS A 85 -1.46 12.36 1.75
N ILE A 86 -0.26 12.60 1.22
CA ILE A 86 0.67 11.52 0.93
C ILE A 86 1.58 11.26 2.12
N PHE A 87 1.57 10.02 2.61
CA PHE A 87 2.49 9.60 3.66
C PHE A 87 3.52 8.65 3.07
N VAL A 88 4.78 9.05 3.10
CA VAL A 88 5.86 8.21 2.61
C VAL A 88 6.36 7.38 3.79
N LEU A 89 6.23 6.06 3.67
CA LEU A 89 6.53 5.17 4.78
C LEU A 89 7.92 4.58 4.56
N ASN A 90 8.93 5.29 5.05
CA ASN A 90 10.32 5.03 4.71
C ASN A 90 10.96 4.03 5.67
N GLN A 91 11.23 2.82 5.19
CA GLN A 91 11.78 1.77 6.04
C GLN A 91 13.25 2.03 6.27
N VAL A 92 13.64 2.31 7.51
CA VAL A 92 15.04 2.67 7.78
C VAL A 92 15.81 1.64 8.59
N ASP A 93 15.16 0.54 9.00
CA ASP A 93 15.92 -0.59 9.54
C ASP A 93 16.64 -1.24 8.35
N ARG A 94 17.47 -2.24 8.60
CA ARG A 94 18.25 -2.88 7.54
CA ARG A 94 18.23 -2.87 7.52
C ARG A 94 17.69 -4.24 7.14
N PHE A 95 16.47 -4.54 7.59
CA PHE A 95 15.87 -5.81 7.21
C PHE A 95 15.33 -5.71 5.79
N ARG A 96 14.87 -6.83 5.24
CA ARG A 96 14.31 -6.85 3.89
C ARG A 96 13.05 -5.99 3.85
N PHE A 97 12.68 -5.53 2.65
CA PHE A 97 11.55 -4.63 2.51
C PHE A 97 10.22 -5.30 2.92
N ASN A 98 9.51 -4.68 3.85
CA ASN A 98 8.24 -5.23 4.34
C ASN A 98 7.11 -4.22 4.15
N ARG A 99 6.54 -4.17 2.94
CA ARG A 99 5.59 -3.10 2.65
C ARG A 99 4.33 -3.19 3.52
N ALA A 100 3.92 -4.41 3.84
CA ALA A 100 2.69 -4.62 4.62
C ALA A 100 2.83 -4.08 6.04
N SER A 101 3.95 -4.37 6.70
CA SER A 101 4.15 -3.83 8.04
C SER A 101 4.25 -2.31 8.00
N LEU A 102 4.88 -1.77 6.97
CA LEU A 102 4.98 -0.32 6.83
C LEU A 102 3.57 0.30 6.69
N ILE A 103 2.72 -0.33 5.90
CA ILE A 103 1.33 0.13 5.77
C ILE A 103 0.60 0.12 7.13
N ASN A 104 0.77 -0.94 7.91
CA ASN A 104 0.20 -0.98 9.26
C ASN A 104 0.68 0.20 10.09
N VAL A 105 1.97 0.51 9.99
CA VAL A 105 2.54 1.63 10.74
C VAL A 105 1.93 2.94 10.27
N GLY A 106 1.85 3.12 8.95
CA GLY A 106 1.29 4.34 8.39
C GLY A 106 -0.17 4.49 8.79
N PHE A 107 -0.89 3.38 8.85
CA PHE A 107 -2.29 3.42 9.27
C PHE A 107 -2.41 3.94 10.71
N GLN A 108 -1.58 3.41 11.61
CA GLN A 108 -1.61 3.85 13.00
C GLN A 108 -1.28 5.32 13.13
N PHE A 109 -0.29 5.79 12.37
CA PHE A 109 0.15 7.17 12.48
C PHE A 109 -0.87 8.16 11.94
N ALA A 110 -1.43 7.87 10.76
CA ALA A 110 -2.35 8.79 10.10
C ALA A 110 -3.51 9.15 11.04
N SER A 111 -3.86 10.43 11.08
CA SER A 111 -4.94 10.94 11.92
C SER A 111 -6.28 10.25 11.60
N ASP A 112 -7.16 10.15 12.60
CA ASP A 112 -8.51 9.58 12.44
C ASP A 112 -9.34 10.34 11.39
N VAL A 113 -8.94 11.57 11.11
CA VAL A 113 -9.67 12.39 10.15
CA VAL A 113 -9.62 12.41 10.14
C VAL A 113 -9.64 11.76 8.75
N TYR A 114 -8.59 11.00 8.44
CA TYR A 114 -8.57 10.24 7.20
C TYR A 114 -9.47 9.02 7.39
N ASP A 115 -10.60 8.99 6.68
CA ASP A 115 -11.54 7.90 6.90
C ASP A 115 -11.38 6.75 5.91
N TYR A 116 -10.45 6.90 4.97
CA TYR A 116 -10.01 5.76 4.16
C TYR A 116 -8.56 5.92 3.71
N ILE A 117 -7.95 4.81 3.33
CA ILE A 117 -6.56 4.82 2.92
C ILE A 117 -6.46 4.30 1.50
N ALA A 118 -5.41 4.73 0.81
CA ALA A 118 -5.01 4.12 -0.45
C ALA A 118 -3.63 3.52 -0.25
N MET A 119 -3.53 2.20 -0.35
CA MET A 119 -2.24 1.52 -0.32
C MET A 119 -1.66 1.54 -1.73
N HIS A 120 -0.57 2.28 -1.93
CA HIS A 120 -0.21 2.69 -3.29
C HIS A 120 1.28 2.45 -3.59
N ASP A 121 1.58 1.68 -4.64
CA ASP A 121 2.97 1.56 -5.10
C ASP A 121 3.44 2.92 -5.63
N VAL A 122 4.72 3.23 -5.44
CA VAL A 122 5.22 4.54 -5.81
C VAL A 122 5.47 4.66 -7.32
N ASP A 123 5.50 3.53 -8.02
CA ASP A 123 5.90 3.50 -9.44
C ASP A 123 4.71 3.28 -10.38
N LEU A 124 3.50 3.35 -9.83
CA LEU A 124 2.31 2.98 -10.59
C LEU A 124 1.35 4.15 -10.68
N LEU A 125 1.26 4.77 -11.86
CA LEU A 125 0.52 6.03 -12.00
C LEU A 125 -0.71 5.83 -12.90
N PRO A 126 -1.88 6.30 -12.45
CA PRO A 126 -3.11 6.18 -13.27
C PRO A 126 -3.07 7.16 -14.43
N LEU A 127 -3.48 6.71 -15.61
CA LEU A 127 -3.45 7.53 -16.82
C LEU A 127 -4.86 7.85 -17.29
N ASN A 128 -5.85 7.36 -16.55
CA ASN A 128 -7.26 7.51 -16.92
C ASN A 128 -8.04 8.18 -15.78
N ASP A 129 -8.58 9.37 -16.05
CA ASP A 129 -9.31 10.14 -15.04
C ASP A 129 -10.60 9.48 -14.54
N ASN A 130 -11.06 8.44 -15.25
CA ASN A 130 -12.27 7.71 -14.82
C ASN A 130 -11.98 6.69 -13.71
N LEU A 131 -10.72 6.58 -13.31
CA LEU A 131 -10.37 5.79 -12.15
C LEU A 131 -10.62 6.67 -10.93
N LEU A 132 -11.76 6.45 -10.28
CA LEU A 132 -12.14 7.31 -9.17
C LEU A 132 -11.58 6.79 -7.84
N TYR A 133 -10.77 7.60 -7.18
CA TYR A 133 -10.19 7.24 -5.89
C TYR A 133 -11.18 7.61 -4.78
N GLU A 134 -12.40 7.09 -4.91
CA GLU A 134 -13.49 7.51 -4.04
C GLU A 134 -13.58 6.69 -2.76
N TYR A 135 -14.33 7.21 -1.79
CA TYR A 135 -14.63 6.49 -0.56
C TYR A 135 -15.28 5.17 -0.93
N PRO A 136 -14.67 4.05 -0.50
CA PRO A 136 -15.19 2.73 -0.87
C PRO A 136 -16.61 2.50 -0.33
N SER A 137 -17.37 1.61 -0.98
CA SER A 137 -18.74 1.32 -0.55
C SER A 137 -18.72 0.38 0.64
N SER A 138 -19.91 0.03 1.14
CA SER A 138 -20.02 -0.88 2.28
C SER A 138 -19.55 -2.29 1.92
N LEU A 139 -19.45 -2.59 0.63
CA LEU A 139 -19.07 -3.93 0.17
C LEU A 139 -17.66 -4.34 0.58
N GLY A 140 -16.76 -3.37 0.69
CA GLY A 140 -15.37 -3.68 0.99
C GLY A 140 -14.41 -2.80 0.22
N PRO A 141 -13.14 -3.22 0.13
CA PRO A 141 -12.08 -2.43 -0.52
C PRO A 141 -12.38 -2.13 -1.99
N LEU A 142 -11.91 -0.96 -2.44
CA LEU A 142 -12.02 -0.58 -3.85
C LEU A 142 -10.65 -0.74 -4.48
N HIS A 143 -10.54 -1.70 -5.41
CA HIS A 143 -9.27 -2.00 -6.05
C HIS A 143 -9.15 -1.26 -7.37
N ILE A 144 -8.28 -0.24 -7.40
CA ILE A 144 -8.13 0.59 -8.58
C ILE A 144 -7.37 -0.11 -9.72
N ALA A 145 -6.32 -0.85 -9.37
CA ALA A 145 -5.44 -1.42 -10.38
C ALA A 145 -5.82 -2.86 -10.72
N GLY A 146 -7.06 -3.05 -11.17
CA GLY A 146 -7.58 -4.38 -11.46
C GLY A 146 -6.77 -5.16 -12.49
N PRO A 147 -6.89 -6.50 -12.44
CA PRO A 147 -6.10 -7.37 -13.33
C PRO A 147 -6.43 -7.19 -14.82
N LYS A 148 -7.58 -6.60 -15.12
CA LYS A 148 -7.91 -6.27 -16.51
C LYS A 148 -7.29 -4.93 -16.96
N LEU A 149 -6.71 -4.21 -16.00
CA LEU A 149 -6.18 -2.87 -16.28
C LEU A 149 -4.69 -2.77 -15.99
N HIS A 150 -4.20 -3.66 -15.13
CA HIS A 150 -2.80 -3.62 -14.74
C HIS A 150 -1.91 -4.14 -15.87
N PRO A 151 -0.77 -3.47 -16.09
CA PRO A 151 0.15 -3.79 -17.19
C PRO A 151 0.81 -5.15 -17.07
N LYS A 152 0.80 -5.75 -15.88
CA LYS A 152 1.60 -6.95 -15.65
C LYS A 152 0.85 -8.07 -14.93
N TYR A 153 0.07 -7.73 -13.92
CA TYR A 153 -0.57 -8.75 -13.10
C TYR A 153 -2.03 -8.89 -13.51
N HIS A 154 -2.41 -10.10 -13.93
CA HIS A 154 -3.70 -10.30 -14.57
C HIS A 154 -4.50 -11.44 -13.95
N TYR A 155 -4.03 -11.99 -12.84
CA TYR A 155 -4.81 -13.04 -12.19
C TYR A 155 -6.04 -12.47 -11.47
N ASP A 156 -7.11 -13.25 -11.44
CA ASP A 156 -8.42 -12.82 -10.95
C ASP A 156 -8.39 -12.08 -9.60
N ASN A 157 -7.67 -12.64 -8.63
CA ASN A 157 -7.72 -12.10 -7.28
C ASN A 157 -6.53 -11.22 -6.92
N PHE A 158 -5.84 -10.71 -7.94
CA PHE A 158 -4.83 -9.69 -7.74
C PHE A 158 -5.47 -8.45 -7.15
N VAL A 159 -4.95 -7.99 -6.01
CA VAL A 159 -5.46 -6.76 -5.39
C VAL A 159 -4.32 -5.80 -5.06
N GLY A 160 -3.23 -5.89 -5.81
CA GLY A 160 -2.06 -5.09 -5.50
C GLY A 160 -2.00 -3.76 -6.23
N GLY A 161 -0.85 -3.08 -6.13
CA GLY A 161 -0.67 -1.83 -6.84
C GLY A 161 -1.35 -0.65 -6.17
N ILE A 162 -2.68 -0.60 -6.24
CA ILE A 162 -3.47 0.51 -5.69
C ILE A 162 -4.78 -0.03 -5.11
N LEU A 163 -4.88 -0.01 -3.79
CA LEU A 163 -6.03 -0.62 -3.13
C LEU A 163 -6.54 0.32 -2.05
N LEU A 164 -7.83 0.67 -2.14
CA LEU A 164 -8.45 1.64 -1.26
C LEU A 164 -9.32 0.94 -0.22
N VAL A 165 -9.14 1.29 1.05
CA VAL A 165 -9.82 0.58 2.13
C VAL A 165 -10.34 1.56 3.18
N ARG A 166 -11.60 1.42 3.58
CA ARG A 166 -12.12 2.20 4.69
C ARG A 166 -11.32 1.95 5.95
N ARG A 167 -11.14 2.98 6.75
CA ARG A 167 -10.52 2.84 8.06
C ARG A 167 -11.20 1.71 8.85
N GLU A 168 -12.53 1.67 8.87
CA GLU A 168 -13.23 0.65 9.62
C GLU A 168 -12.96 -0.75 9.12
N HIS A 169 -12.95 -0.92 7.80
CA HIS A 169 -12.70 -2.24 7.22
C HIS A 169 -11.27 -2.71 7.52
N PHE A 170 -10.32 -1.80 7.41
CA PHE A 170 -8.92 -2.14 7.66
C PHE A 170 -8.78 -2.60 9.11
N LYS A 171 -9.38 -1.81 10.02
CA LYS A 171 -9.39 -2.13 11.45
CA LYS A 171 -9.40 -2.12 11.44
C LYS A 171 -9.99 -3.51 11.67
N GLN A 172 -11.17 -3.72 11.10
CA GLN A 172 -11.91 -4.97 11.18
C GLN A 172 -11.08 -6.18 10.74
N MET A 173 -10.19 -5.97 9.77
CA MET A 173 -9.35 -7.06 9.28
C MET A 173 -8.02 -7.18 10.04
N ASN A 174 -7.82 -6.37 11.07
CA ASN A 174 -6.53 -6.28 11.76
C ASN A 174 -5.40 -5.97 10.77
N GLY A 175 -5.71 -5.12 9.79
CA GLY A 175 -4.72 -4.66 8.82
C GLY A 175 -4.09 -5.80 8.03
N MET A 176 -2.81 -5.63 7.69
CA MET A 176 -2.11 -6.61 6.89
C MET A 176 -1.26 -7.49 7.75
N SER A 177 -0.93 -8.69 7.24
CA SER A 177 0.02 -9.57 7.92
C SER A 177 1.40 -8.91 8.02
N ASN A 178 2.14 -9.25 9.08
CA ASN A 178 3.48 -8.72 9.29
C ASN A 178 4.59 -9.67 8.83
N GLN A 179 4.21 -10.82 8.29
CA GLN A 179 5.18 -11.90 8.09
C GLN A 179 5.86 -11.84 6.72
N TYR A 180 5.53 -10.82 5.93
CA TYR A 180 6.04 -10.73 4.57
C TYR A 180 7.26 -9.80 4.43
N TRP A 181 8.44 -10.40 4.50
CA TRP A 181 9.70 -9.68 4.29
C TRP A 181 10.21 -10.03 2.89
N GLY A 182 10.54 -9.03 2.09
CA GLY A 182 10.94 -9.28 0.71
C GLY A 182 9.70 -9.29 -0.18
N TRP A 183 9.91 -9.39 -1.49
CA TRP A 183 8.81 -9.30 -2.45
C TRP A 183 7.77 -10.42 -2.32
N GLY A 184 6.51 -10.04 -2.54
CA GLY A 184 5.45 -10.99 -2.86
C GLY A 184 4.49 -11.40 -1.77
N LEU A 185 3.32 -11.87 -2.21
CA LEU A 185 2.33 -12.59 -1.38
C LEU A 185 1.52 -11.79 -0.35
N GLU A 186 2.04 -10.65 0.10
CA GLU A 186 1.37 -9.94 1.19
C GLU A 186 -0.04 -9.45 0.83
N ASN A 187 -0.23 -9.07 -0.44
CA ASN A 187 -1.55 -8.60 -0.88
C ASN A 187 -2.49 -9.77 -1.10
N ASP A 188 -1.93 -10.91 -1.47
CA ASP A 188 -2.72 -12.11 -1.70
C ASP A 188 -3.25 -12.66 -0.38
N GLU A 189 -2.46 -12.55 0.68
CA GLU A 189 -2.93 -12.96 2.00
C GLU A 189 -3.99 -11.96 2.47
N PHE A 190 -3.79 -10.69 2.17
CA PHE A 190 -4.78 -9.66 2.49
C PHE A 190 -6.11 -9.95 1.79
N PHE A 191 -6.05 -10.43 0.56
CA PHE A 191 -7.26 -10.81 -0.16
C PHE A 191 -8.10 -11.81 0.63
N VAL A 192 -7.42 -12.76 1.27
CA VAL A 192 -8.10 -13.75 2.11
C VAL A 192 -8.68 -13.08 3.36
N ARG A 193 -7.96 -12.11 3.91
CA ARG A 193 -8.49 -11.36 5.04
C ARG A 193 -9.80 -10.66 4.68
N ILE A 194 -9.85 -10.14 3.45
CA ILE A 194 -11.05 -9.45 2.96
C ILE A 194 -12.23 -10.41 2.98
N ARG A 195 -12.03 -11.61 2.43
CA ARG A 195 -13.08 -12.62 2.41
C ARG A 195 -13.46 -13.15 3.80
N ASP A 196 -12.47 -13.40 4.64
CA ASP A 196 -12.72 -13.85 6.01
C ASP A 196 -13.52 -12.83 6.81
N ALA A 197 -13.38 -11.56 6.47
CA ALA A 197 -14.14 -10.52 7.15
C ALA A 197 -15.54 -10.38 6.56
N GLY A 198 -15.87 -11.25 5.61
CA GLY A 198 -17.16 -11.19 4.96
C GLY A 198 -17.30 -10.00 4.02
N LEU A 199 -16.17 -9.45 3.56
CA LEU A 199 -16.21 -8.34 2.62
C LEU A 199 -15.91 -8.80 1.18
N GLN A 200 -16.03 -7.88 0.22
CA GLN A 200 -15.72 -8.19 -1.18
C GLN A 200 -14.83 -7.10 -1.76
N VAL A 201 -14.18 -7.41 -2.87
CA VAL A 201 -13.42 -6.42 -3.62
C VAL A 201 -14.32 -5.82 -4.70
N THR A 202 -14.35 -4.50 -4.82
CA THR A 202 -15.07 -3.89 -5.94
C THR A 202 -14.03 -3.19 -6.81
N ARG A 203 -14.32 -3.10 -8.10
CA ARG A 203 -13.41 -2.47 -9.05
C ARG A 203 -14.20 -1.54 -9.94
N PRO A 204 -13.54 -0.51 -10.52
CA PRO A 204 -14.25 0.41 -11.42
C PRO A 204 -14.86 -0.39 -12.58
N GLN A 205 -16.10 -0.09 -12.95
CA GLN A 205 -16.69 -0.75 -14.11
C GLN A 205 -16.74 0.23 -15.28
N ASN A 206 -16.94 -0.30 -16.49
CA ASN A 206 -17.03 0.55 -17.67
C ASN A 206 -15.77 1.37 -17.97
N ILE A 207 -14.63 0.94 -17.46
CA ILE A 207 -13.36 1.53 -17.88
C ILE A 207 -13.05 1.01 -19.28
N LYS A 208 -12.71 1.92 -20.19
CA LYS A 208 -12.54 1.56 -21.61
C LYS A 208 -11.11 1.26 -22.00
N THR A 209 -10.14 1.82 -21.26
CA THR A 209 -8.75 1.51 -21.51
C THR A 209 -8.44 0.09 -21.01
N GLY A 210 -7.26 -0.42 -21.34
CA GLY A 210 -6.93 -1.78 -20.98
C GLY A 210 -5.57 -1.89 -20.32
N THR A 211 -4.94 -3.05 -20.47
CA THR A 211 -3.69 -3.35 -19.76
C THR A 211 -2.51 -2.56 -20.29
N ASN A 212 -2.63 -1.99 -21.49
CA ASN A 212 -1.52 -1.27 -22.08
C ASN A 212 -1.59 0.24 -21.93
N ASP A 213 -2.74 0.76 -21.50
CA ASP A 213 -2.93 2.21 -21.48
C ASP A 213 -3.69 2.75 -20.27
N THR A 214 -3.90 1.93 -19.24
CA THR A 214 -4.58 2.43 -18.03
C THR A 214 -3.58 2.99 -16.99
N PHE A 215 -2.44 2.33 -16.85
CA PHE A 215 -1.43 2.77 -15.88
C PHE A 215 -0.06 2.88 -16.52
N SER A 216 0.75 3.79 -15.98
CA SER A 216 2.18 3.77 -16.23
C SER A 216 2.79 2.95 -15.10
N HIS A 217 3.52 1.89 -15.44
CA HIS A 217 4.29 1.14 -14.45
C HIS A 217 5.74 1.23 -14.85
N ILE A 218 6.43 2.27 -14.39
CA ILE A 218 7.81 2.44 -14.76
C ILE A 218 8.65 1.78 -13.69
N HIS A 219 8.98 0.52 -13.96
CA HIS A 219 9.69 -0.34 -13.03
C HIS A 219 10.47 -1.32 -13.88
N ASN A 220 11.76 -1.03 -14.10
CA ASN A 220 12.60 -1.97 -14.83
C ASN A 220 13.17 -3.01 -13.86
N ARG A 221 12.95 -4.29 -14.14
CA ARG A 221 13.26 -5.38 -13.21
C ARG A 221 14.75 -5.49 -12.86
N TYR A 222 15.62 -4.91 -13.67
CA TYR A 222 17.04 -4.91 -13.33
C TYR A 222 17.44 -3.68 -12.55
N HIS A 223 16.73 -2.58 -12.80
CA HIS A 223 17.02 -1.33 -12.12
C HIS A 223 16.54 -1.41 -10.67
N ARG A 224 15.27 -1.71 -10.49
CA ARG A 224 14.71 -1.92 -9.17
C ARG A 224 14.42 -3.41 -9.02
N LYS A 225 15.34 -4.15 -8.43
CA LYS A 225 15.17 -5.60 -8.37
C LYS A 225 14.09 -6.01 -7.37
N ARG A 226 13.36 -7.07 -7.70
CA ARG A 226 12.42 -7.66 -6.77
C ARG A 226 13.19 -8.64 -5.89
N ASP A 227 13.06 -8.46 -4.58
CA ASP A 227 13.78 -9.29 -3.61
C ASP A 227 13.01 -10.59 -3.42
N THR A 228 13.29 -11.58 -4.26
CA THR A 228 12.54 -12.83 -4.28
C THR A 228 13.28 -13.96 -3.58
N GLN A 229 14.37 -13.64 -2.91
CA GLN A 229 15.12 -14.65 -2.18
C GLN A 229 14.23 -15.35 -1.15
N LYS A 230 14.49 -16.63 -0.92
CA LYS A 230 13.83 -17.37 0.15
C LYS A 230 14.91 -17.98 1.02
N CYS A 231 14.73 -17.94 2.34
CA CYS A 231 15.65 -18.60 3.26
C CYS A 231 14.88 -19.08 4.47
N PHE A 232 15.52 -19.91 5.28
CA PHE A 232 14.83 -20.57 6.39
C PHE A 232 13.57 -21.21 5.80
N ASN A 233 12.45 -21.23 6.50
CA ASN A 233 11.30 -21.83 5.84
C ASN A 233 10.30 -20.79 5.33
N GLN A 234 10.82 -19.77 4.67
CA GLN A 234 9.99 -18.68 4.17
C GLN A 234 8.88 -19.15 3.23
N LYS A 235 9.23 -19.99 2.25
CA LYS A 235 8.27 -20.43 1.24
C LYS A 235 7.05 -21.04 1.90
N GLU A 236 7.30 -22.01 2.77
CA GLU A 236 6.23 -22.73 3.43
C GLU A 236 5.38 -21.83 4.33
N MET A 237 6.04 -20.94 5.06
CA MET A 237 5.32 -20.12 6.03
C MET A 237 4.54 -18.96 5.42
N THR A 238 5.11 -18.28 4.45
CA THR A 238 4.44 -17.10 3.90
C THR A 238 3.29 -17.48 2.97
N ARG A 239 3.23 -18.76 2.60
CA ARG A 239 2.12 -19.26 1.80
C ARG A 239 0.91 -19.68 2.64
N LYS A 240 1.06 -19.62 3.96
CA LYS A 240 -0.02 -19.94 4.88
C LYS A 240 -0.69 -18.65 5.37
N ARG A 241 -2.02 -18.67 5.40
CA ARG A 241 -2.82 -17.60 5.99
C ARG A 241 -2.32 -17.30 7.40
N ASP A 242 -2.17 -16.02 7.73
CA ASP A 242 -1.56 -15.59 8.99
C ASP A 242 -2.62 -15.02 9.92
N HIS A 243 -3.09 -15.84 10.87
CA HIS A 243 -4.09 -15.38 11.83
C HIS A 243 -3.48 -14.73 13.06
N LYS A 244 -2.15 -14.72 13.16
CA LYS A 244 -1.50 -14.29 14.41
C LYS A 244 -1.00 -12.86 14.44
N THR A 245 -0.63 -12.31 13.28
CA THR A 245 -0.08 -10.95 13.27
C THR A 245 -0.94 -10.00 12.48
N GLY A 246 -0.71 -8.71 12.72
CA GLY A 246 -1.40 -7.68 11.96
C GLY A 246 -1.21 -6.31 12.58
N LEU A 247 -2.17 -5.45 12.34
CA LEU A 247 -2.14 -4.09 12.82
C LEU A 247 -1.89 -4.04 14.33
N ASP A 248 -2.55 -4.95 15.06
CA ASP A 248 -2.56 -4.87 16.52
C ASP A 248 -1.24 -5.28 17.17
N ASN A 249 -0.34 -5.91 16.44
CA ASN A 249 0.94 -6.31 17.03
C ASN A 249 2.21 -6.02 16.20
N VAL A 250 2.10 -5.13 15.22
CA VAL A 250 3.29 -4.76 14.44
C VAL A 250 4.27 -4.05 15.39
N LYS A 251 5.53 -4.47 15.35
CA LYS A 251 6.53 -3.93 16.27
C LYS A 251 7.45 -2.97 15.53
N TYR A 252 7.55 -1.74 16.01
CA TYR A 252 8.28 -0.70 15.29
C TYR A 252 8.56 0.51 16.17
N LYS A 253 9.39 1.40 15.65
CA LYS A 253 9.56 2.74 16.19
C LYS A 253 9.60 3.69 15.02
N ILE A 254 8.93 4.83 15.17
CA ILE A 254 9.10 5.91 14.22
C ILE A 254 10.22 6.80 14.75
N LEU A 255 11.37 6.76 14.09
CA LEU A 255 12.53 7.49 14.57
C LEU A 255 12.40 8.98 14.31
N LYS A 256 11.73 9.33 13.22
CA LYS A 256 11.66 10.72 12.81
C LYS A 256 10.49 10.95 11.89
N VAL A 257 9.87 12.13 11.99
CA VAL A 257 8.83 12.55 11.06
C VAL A 257 9.31 13.80 10.34
N HIS A 258 9.40 13.75 9.01
CA HIS A 258 9.84 14.92 8.24
C HIS A 258 8.68 15.54 7.48
N GLU A 259 8.55 16.86 7.52
CA GLU A 259 7.60 17.56 6.67
C GLU A 259 8.33 18.00 5.40
N MET A 260 7.91 17.49 4.26
CA MET A 260 8.59 17.81 3.01
C MET A 260 7.65 18.55 2.07
N LEU A 261 8.18 19.53 1.33
CA LEU A 261 7.45 20.11 0.20
C LEU A 261 8.18 19.75 -1.07
N ILE A 262 7.44 19.23 -2.05
CA ILE A 262 8.00 19.03 -3.38
C ILE A 262 7.25 19.91 -4.36
N ASP A 263 7.92 20.95 -4.82
CA ASP A 263 7.29 21.95 -5.70
C ASP A 263 5.95 22.38 -5.11
N GLN A 264 6.00 22.81 -3.85
CA GLN A 264 4.85 23.36 -3.10
C GLN A 264 3.87 22.32 -2.56
N VAL A 265 4.03 21.04 -2.94
CA VAL A 265 3.11 20.00 -2.47
C VAL A 265 3.63 19.39 -1.17
N PRO A 266 2.85 19.49 -0.08
CA PRO A 266 3.29 18.95 1.21
C PRO A 266 3.18 17.43 1.26
N VAL A 267 4.23 16.78 1.76
CA VAL A 267 4.26 15.33 1.88
C VAL A 267 4.87 15.01 3.26
N THR A 268 4.36 13.98 3.92
CA THR A 268 4.92 13.56 5.21
C THR A 268 5.81 12.33 5.04
N ILE A 269 7.03 12.38 5.58
CA ILE A 269 7.92 11.22 5.57
C ILE A 269 7.99 10.64 6.97
N LEU A 270 7.70 9.34 7.10
CA LEU A 270 7.87 8.64 8.37
C LEU A 270 9.10 7.76 8.23
N ASN A 271 10.12 8.00 9.05
CA ASN A 271 11.26 7.09 9.08
C ASN A 271 10.92 5.97 10.06
N ILE A 272 10.70 4.77 9.52
CA ILE A 272 10.18 3.67 10.29
C ILE A 272 11.22 2.57 10.51
N LEU A 273 11.51 2.30 11.78
CA LEU A 273 12.43 1.22 12.14
C LEU A 273 11.59 -0.01 12.49
N LEU A 274 11.50 -0.98 11.57
CA LEU A 274 10.77 -2.21 11.84
C LEU A 274 11.61 -3.15 12.66
N ASP A 275 10.97 -3.86 13.59
CA ASP A 275 11.66 -4.86 14.38
C ASP A 275 11.43 -6.21 13.73
N CYS A 276 12.39 -7.11 13.84
CA CYS A 276 12.17 -8.47 13.37
C CYS A 276 12.42 -9.44 14.51
N ASP A 277 11.51 -10.38 14.70
CA ASP A 277 11.71 -11.44 15.69
C ASP A 277 12.21 -12.64 14.91
N VAL A 278 13.51 -12.92 15.02
CA VAL A 278 14.09 -14.01 14.22
C VAL A 278 13.67 -15.38 14.71
N ASN A 279 13.07 -15.44 15.89
CA ASN A 279 12.47 -16.67 16.38
C ASN A 279 11.18 -16.99 15.61
N LYS A 280 10.59 -15.99 14.96
CA LYS A 280 9.34 -16.17 14.21
C LYS A 280 9.51 -16.00 12.70
N THR A 281 10.17 -14.92 12.29
CA THR A 281 10.33 -14.64 10.85
C THR A 281 11.79 -14.34 10.50
N PRO A 282 12.66 -15.36 10.62
CA PRO A 282 14.09 -15.15 10.38
C PRO A 282 14.41 -14.75 8.94
N TRP A 283 13.47 -15.00 8.02
CA TRP A 283 13.65 -14.62 6.62
C TRP A 283 13.56 -13.11 6.41
N CYS A 284 13.45 -12.34 7.49
CA CYS A 284 13.59 -10.88 7.40
C CYS A 284 15.00 -10.50 6.94
N ASP A 285 15.91 -11.46 6.99
CA ASP A 285 17.31 -11.22 6.61
C ASP A 285 17.95 -12.54 6.21
N CYS A 286 18.21 -12.72 4.91
CA CYS A 286 18.84 -13.96 4.45
C CYS A 286 20.37 -13.83 4.31
N SER A 287 20.94 -12.72 4.77
CA SER A 287 22.39 -12.53 4.61
C SER A 287 23.18 -13.55 5.43
#